data_7W0W
#
_entry.id   7W0W
#
_cell.length_a   180.161
_cell.length_b   32.855
_cell.length_c   57.903
_cell.angle_alpha   90.000
_cell.angle_beta   90.000
_cell.angle_gamma   90.000
#
_symmetry.space_group_name_H-M   'P 21 21 2'
#
loop_
_entity.id
_entity.type
_entity.pdbx_description
1 polymer 'Methyl-accepting chemotaxis protein'
2 non-polymer '(2S)-2-hydroxybutanedioic acid'
3 non-polymer 1,2-ETHANEDIOL
4 non-polymer 'ACETATE ION'
5 non-polymer DI(HYDROXYETHYL)ETHER
6 water water
#
_entity_poly.entity_id   1
_entity_poly.type   'polypeptide(L)'
_entity_poly.pdbx_seq_one_letter_code
;MGSSHHHHHHENLYFQGSQSAVSTLDRQMMGSALDNVQQINDMINTSISQKEDGTAYFSDWLTKDRYKPKNQSQITDKFT
EYMKINKDVESIYTSDTEGHFTRYPDLQMPKGYNPIERDWYKKAVENKGKVVVTDPYRTASTNTMVVTVVQQTKDGSGVV
AINMKIDELLKTTKKVNIGKSGYAFILTKDKKVVAHPNRTSGTVL
;
_entity_poly.pdbx_strand_id   A,B
#
loop_
_chem_comp.id
_chem_comp.type
_chem_comp.name
_chem_comp.formula
ACT non-polymer 'ACETATE ION' 'C2 H3 O2 -1'
EDO non-polymer 1,2-ETHANEDIOL 'C2 H6 O2'
LMR non-polymer '(2S)-2-hydroxybutanedioic acid' 'C4 H6 O5'
PEG non-polymer DI(HYDROXYETHYL)ETHER 'C4 H10 O3'
#
# COMPACT_ATOMS: atom_id res chain seq x y z
N ILE A 40 -18.49 5.29 -12.69
CA ILE A 40 -18.77 4.39 -11.54
C ILE A 40 -18.20 3.00 -11.83
N ASN A 41 -18.35 2.48 -13.04
CA ASN A 41 -17.70 1.22 -13.48
C ASN A 41 -16.17 1.40 -13.43
N ASP A 42 -15.68 2.62 -13.68
CA ASP A 42 -14.23 2.97 -13.64
C ASP A 42 -13.75 3.00 -12.18
N MET A 43 -14.46 3.69 -11.29
CA MET A 43 -14.16 3.73 -9.83
C MET A 43 -14.01 2.29 -9.29
N ILE A 44 -14.93 1.40 -9.66
CA ILE A 44 -14.97 -0.01 -9.15
C ILE A 44 -13.78 -0.78 -9.70
N ASN A 45 -13.52 -0.73 -11.00
CA ASN A 45 -12.51 -1.60 -11.66
C ASN A 45 -11.11 -1.10 -11.30
N THR A 46 -10.95 0.20 -11.05
CA THR A 46 -9.67 0.79 -10.58
C THR A 46 -9.35 0.17 -9.22
N SER A 47 -10.36 0.15 -8.36
CA SER A 47 -10.27 -0.40 -6.98
C SER A 47 -9.88 -1.89 -7.06
N ILE A 48 -10.59 -2.68 -7.85
CA ILE A 48 -10.38 -4.15 -7.97
C ILE A 48 -8.96 -4.41 -8.49
N SER A 49 -8.51 -3.67 -9.51
CA SER A 49 -7.18 -3.91 -10.13
C SER A 49 -6.06 -3.66 -9.09
N GLN A 50 -6.24 -2.67 -8.21
CA GLN A 50 -5.29 -2.37 -7.11
C GLN A 50 -5.24 -3.58 -6.17
N LYS A 51 -6.38 -4.19 -5.87
CA LYS A 51 -6.43 -5.39 -4.99
C LYS A 51 -5.68 -6.55 -5.68
N GLU A 52 -5.73 -6.64 -7.01
CA GLU A 52 -5.03 -7.69 -7.79
C GLU A 52 -3.52 -7.55 -7.61
N ASP A 53 -3.03 -6.31 -7.50
CA ASP A 53 -1.61 -6.04 -7.19
C ASP A 53 -1.27 -6.60 -5.80
N GLY A 54 -2.19 -6.52 -4.84
CA GLY A 54 -2.02 -7.10 -3.49
C GLY A 54 -1.92 -8.61 -3.53
N THR A 55 -2.87 -9.29 -4.19
CA THR A 55 -2.87 -10.77 -4.31
C THR A 55 -1.65 -11.21 -5.11
N ALA A 56 -1.21 -10.45 -6.11
CA ALA A 56 -0.01 -10.84 -6.91
C ALA A 56 1.23 -10.87 -6.01
N TYR A 57 1.40 -9.86 -5.17
CA TYR A 57 2.50 -9.83 -4.16
C TYR A 57 2.41 -11.03 -3.20
N PHE A 58 1.27 -11.22 -2.54
CA PHE A 58 1.09 -12.31 -1.55
C PHE A 58 1.16 -13.69 -2.22
N SER A 59 0.77 -13.84 -3.50
CA SER A 59 0.87 -15.11 -4.27
C SER A 59 2.32 -15.54 -4.43
N ASP A 60 3.25 -14.57 -4.46
CA ASP A 60 4.71 -14.80 -4.56
C ASP A 60 5.26 -15.09 -3.17
N TRP A 61 4.94 -14.20 -2.23
CA TRP A 61 5.52 -14.25 -0.87
C TRP A 61 4.97 -15.45 -0.08
N LEU A 62 3.69 -15.81 -0.19
CA LEU A 62 3.15 -16.99 0.57
C LEU A 62 3.67 -18.28 -0.07
N THR A 63 4.47 -19.04 0.66
CA THR A 63 5.05 -20.36 0.26
C THR A 63 4.82 -21.36 1.38
N LYS A 64 5.06 -22.65 1.12
CA LYS A 64 4.98 -23.74 2.12
C LYS A 64 5.79 -23.32 3.35
N ASP A 65 6.99 -22.76 3.14
CA ASP A 65 7.83 -22.33 4.26
C ASP A 65 7.10 -21.26 5.08
N ARG A 66 6.43 -20.29 4.45
CA ARG A 66 5.80 -19.14 5.17
CA ARG A 66 5.81 -19.14 5.18
C ARG A 66 4.58 -19.61 5.97
N TYR A 67 3.98 -20.74 5.56
CA TYR A 67 2.80 -21.38 6.23
C TYR A 67 3.25 -22.21 7.46
N LYS A 68 4.54 -22.39 7.71
CA LYS A 68 5.02 -23.04 8.97
C LYS A 68 4.56 -22.19 10.14
N PRO A 69 4.19 -22.84 11.27
CA PRO A 69 3.82 -22.11 12.49
C PRO A 69 4.87 -21.08 12.95
N LYS A 70 6.16 -21.35 12.75
CA LYS A 70 7.25 -20.42 13.19
C LYS A 70 7.14 -19.10 12.39
N ASN A 71 6.46 -19.07 11.23
CA ASN A 71 6.41 -17.83 10.40
C ASN A 71 5.04 -17.15 10.52
N GLN A 72 4.17 -17.57 11.44
CA GLN A 72 2.79 -17.01 11.53
C GLN A 72 2.84 -15.48 11.75
N SER A 73 3.69 -15.01 12.66
CA SER A 73 3.86 -13.56 12.96
C SER A 73 4.22 -12.80 11.69
N GLN A 74 4.95 -13.43 10.76
CA GLN A 74 5.37 -12.74 9.52
C GLN A 74 4.13 -12.45 8.69
N ILE A 75 3.21 -13.42 8.57
CA ILE A 75 1.98 -13.25 7.74
C ILE A 75 1.13 -12.14 8.37
N THR A 76 0.90 -12.21 9.67
CA THR A 76 0.07 -11.24 10.42
C THR A 76 0.63 -9.82 10.25
N ASP A 77 1.95 -9.67 10.36
CA ASP A 77 2.62 -8.36 10.26
C ASP A 77 2.39 -7.81 8.85
N LYS A 78 2.56 -8.63 7.80
CA LYS A 78 2.38 -8.16 6.41
C LYS A 78 0.91 -7.82 6.16
N PHE A 79 -0.03 -8.60 6.70
CA PHE A 79 -1.49 -8.35 6.57
C PHE A 79 -1.85 -7.07 7.33
N THR A 80 -1.27 -6.85 8.49
CA THR A 80 -1.54 -5.63 9.30
C THR A 80 -1.13 -4.43 8.47
N GLU A 81 0.10 -4.43 7.94
CA GLU A 81 0.59 -3.35 7.04
C GLU A 81 -0.40 -3.13 5.89
N TYR A 82 -0.76 -4.17 5.15
CA TYR A 82 -1.67 -4.08 3.98
C TYR A 82 -2.99 -3.40 4.37
N MET A 83 -3.61 -3.83 5.46
CA MET A 83 -4.94 -3.33 5.88
C MET A 83 -4.86 -1.84 6.29
N LYS A 84 -3.84 -1.49 7.06
CA LYS A 84 -3.67 -0.13 7.62
C LYS A 84 -3.43 0.87 6.48
N ILE A 85 -2.78 0.47 5.39
CA ILE A 85 -2.55 1.32 4.18
C ILE A 85 -3.84 1.41 3.35
N ASN A 86 -4.62 0.32 3.25
CA ASN A 86 -5.74 0.21 2.27
C ASN A 86 -7.08 0.33 3.01
N LYS A 87 -7.53 1.57 3.23
CA LYS A 87 -8.69 1.93 4.10
C LYS A 87 -10.00 1.34 3.58
N ASP A 88 -10.07 1.05 2.28
CA ASP A 88 -11.31 0.59 1.59
C ASP A 88 -11.45 -0.95 1.69
N VAL A 89 -10.53 -1.62 2.39
CA VAL A 89 -10.52 -3.11 2.44
C VAL A 89 -11.24 -3.60 3.71
N GLU A 90 -12.06 -4.63 3.58
CA GLU A 90 -12.81 -5.21 4.71
C GLU A 90 -11.90 -6.18 5.48
N SER A 91 -11.07 -6.94 4.78
CA SER A 91 -10.14 -7.93 5.39
C SER A 91 -9.18 -8.46 4.34
N ILE A 92 -8.12 -9.07 4.81
CA ILE A 92 -7.21 -9.93 4.01
C ILE A 92 -7.01 -11.23 4.80
N TYR A 93 -7.02 -12.35 4.12
CA TYR A 93 -6.90 -13.67 4.75
C TYR A 93 -6.25 -14.63 3.77
N THR A 94 -5.68 -15.70 4.32
CA THR A 94 -5.17 -16.85 3.54
C THR A 94 -5.48 -18.13 4.29
N SER A 95 -5.59 -19.21 3.53
CA SER A 95 -5.55 -20.60 4.01
C SER A 95 -4.51 -21.35 3.20
N ASP A 96 -3.70 -22.19 3.85
CA ASP A 96 -2.92 -23.23 3.15
C ASP A 96 -3.87 -24.39 2.82
N THR A 97 -3.34 -25.42 2.18
CA THR A 97 -4.10 -26.60 1.69
C THR A 97 -4.65 -27.41 2.88
N GLU A 98 -4.08 -27.22 4.08
CA GLU A 98 -4.46 -27.95 5.32
C GLU A 98 -5.46 -27.15 6.13
N GLY A 99 -5.97 -26.01 5.64
CA GLY A 99 -6.94 -25.18 6.37
C GLY A 99 -6.34 -24.30 7.47
N HIS A 100 -5.02 -24.16 7.55
CA HIS A 100 -4.39 -23.18 8.48
C HIS A 100 -4.73 -21.76 8.01
N PHE A 101 -5.58 -21.09 8.76
CA PHE A 101 -6.28 -19.85 8.31
C PHE A 101 -5.75 -18.65 9.09
N THR A 102 -5.37 -17.58 8.39
CA THR A 102 -4.88 -16.29 8.97
C THR A 102 -5.71 -15.17 8.39
N ARG A 103 -6.33 -14.34 9.25
CA ARG A 103 -7.20 -13.21 8.83
C ARG A 103 -6.78 -11.96 9.60
N TYR A 104 -6.75 -10.84 8.92
CA TYR A 104 -6.70 -9.50 9.54
C TYR A 104 -7.86 -8.69 8.99
N PRO A 105 -8.71 -8.10 9.84
CA PRO A 105 -8.64 -8.26 11.30
C PRO A 105 -8.93 -9.70 11.76
N ASP A 106 -8.45 -10.07 12.94
CA ASP A 106 -8.56 -11.45 13.49
C ASP A 106 -9.94 -11.63 14.14
N LEU A 107 -11.00 -11.68 13.37
CA LEU A 107 -12.34 -12.01 13.91
C LEU A 107 -12.40 -13.49 14.27
N GLN A 108 -13.19 -13.81 15.29
CA GLN A 108 -13.64 -15.18 15.62
C GLN A 108 -14.46 -15.72 14.45
N MET A 109 -14.05 -16.86 13.89
CA MET A 109 -14.76 -17.52 12.77
C MET A 109 -15.81 -18.48 13.33
N PRO A 110 -16.93 -18.74 12.63
CA PRO A 110 -17.92 -19.69 13.11
C PRO A 110 -17.32 -21.09 13.33
N LYS A 111 -17.92 -21.81 14.28
CA LYS A 111 -17.67 -23.25 14.55
C LYS A 111 -17.85 -24.00 13.24
N GLY A 112 -16.89 -24.84 12.88
CA GLY A 112 -16.92 -25.66 11.65
C GLY A 112 -16.50 -24.90 10.40
N TYR A 113 -16.09 -23.63 10.51
CA TYR A 113 -15.54 -22.86 9.37
C TYR A 113 -14.40 -23.67 8.75
N ASN A 114 -14.47 -23.88 7.45
CA ASN A 114 -13.48 -24.68 6.70
C ASN A 114 -13.16 -23.93 5.43
N PRO A 115 -12.06 -23.16 5.42
CA PRO A 115 -11.72 -22.32 4.27
C PRO A 115 -11.66 -23.11 2.95
N ILE A 116 -11.22 -24.35 2.98
CA ILE A 116 -11.00 -25.11 1.71
C ILE A 116 -12.33 -25.52 1.07
N GLU A 117 -13.45 -25.37 1.78
CA GLU A 117 -14.80 -25.67 1.24
C GLU A 117 -15.52 -24.37 0.86
N ARG A 118 -14.91 -23.21 1.09
CA ARG A 118 -15.48 -21.91 0.66
C ARG A 118 -15.24 -21.74 -0.84
N ASP A 119 -16.16 -21.07 -1.56
CA ASP A 119 -16.09 -20.87 -3.03
C ASP A 119 -14.87 -20.00 -3.35
N TRP A 120 -14.52 -19.03 -2.50
CA TRP A 120 -13.35 -18.16 -2.76
C TRP A 120 -12.12 -19.06 -2.91
N TYR A 121 -11.97 -20.04 -2.05
CA TYR A 121 -10.81 -20.94 -2.04
C TYR A 121 -10.88 -21.82 -3.29
N LYS A 122 -12.04 -22.43 -3.54
CA LYS A 122 -12.22 -23.43 -4.62
C LYS A 122 -11.99 -22.74 -5.98
N LYS A 123 -12.57 -21.55 -6.17
CA LYS A 123 -12.47 -20.75 -7.41
C LYS A 123 -10.99 -20.40 -7.67
N ALA A 124 -10.24 -20.04 -6.63
CA ALA A 124 -8.79 -19.71 -6.75
C ALA A 124 -8.03 -20.93 -7.29
N VAL A 125 -8.20 -22.07 -6.63
CA VAL A 125 -7.53 -23.35 -6.99
C VAL A 125 -7.93 -23.73 -8.42
N GLU A 126 -9.20 -23.51 -8.79
CA GLU A 126 -9.75 -23.81 -10.13
C GLU A 126 -8.99 -22.98 -11.17
N ASN A 127 -8.63 -21.74 -10.83
CA ASN A 127 -7.97 -20.79 -11.77
C ASN A 127 -6.44 -20.91 -11.74
N LYS A 128 -5.88 -21.92 -11.08
CA LYS A 128 -4.46 -22.33 -11.20
C LYS A 128 -3.51 -21.12 -11.05
N GLY A 129 -3.76 -20.21 -10.09
CA GLY A 129 -2.83 -19.12 -9.75
C GLY A 129 -3.11 -17.85 -10.52
N LYS A 130 -4.13 -17.87 -11.38
CA LYS A 130 -4.64 -16.64 -12.03
C LYS A 130 -5.64 -16.01 -11.08
N VAL A 131 -5.62 -14.69 -11.01
CA VAL A 131 -6.43 -13.93 -10.04
C VAL A 131 -7.90 -14.05 -10.44
N VAL A 132 -8.79 -14.10 -9.46
CA VAL A 132 -10.27 -14.22 -9.61
C VAL A 132 -10.94 -13.09 -8.82
N VAL A 133 -12.05 -12.60 -9.32
CA VAL A 133 -12.97 -11.71 -8.57
C VAL A 133 -14.31 -12.44 -8.48
N THR A 134 -14.79 -12.69 -7.25
CA THR A 134 -16.03 -13.45 -6.99
C THR A 134 -17.25 -12.57 -7.27
N ASP A 135 -18.41 -13.21 -7.41
CA ASP A 135 -19.73 -12.53 -7.33
C ASP A 135 -19.90 -12.08 -5.89
N PRO A 136 -20.81 -11.13 -5.60
CA PRO A 136 -21.07 -10.71 -4.22
C PRO A 136 -21.60 -11.89 -3.39
N TYR A 137 -21.23 -11.96 -2.13
CA TYR A 137 -21.67 -13.03 -1.19
C TYR A 137 -21.52 -12.45 0.21
N ARG A 138 -22.14 -13.10 1.20
CA ARG A 138 -22.08 -12.64 2.61
C ARG A 138 -20.98 -13.43 3.32
N THR A 139 -20.12 -12.74 4.06
CA THR A 139 -18.96 -13.37 4.74
C THR A 139 -19.47 -14.35 5.78
N ALA A 140 -18.75 -15.46 5.97
CA ALA A 140 -18.95 -16.38 7.11
C ALA A 140 -18.74 -15.62 8.41
N SER A 141 -17.78 -14.69 8.47
CA SER A 141 -17.38 -14.06 9.75
C SER A 141 -18.49 -13.13 10.28
N THR A 142 -19.17 -12.35 9.44
CA THR A 142 -20.13 -11.31 9.89
C THR A 142 -21.37 -11.20 8.99
N ASN A 143 -21.54 -12.09 8.01
CA ASN A 143 -22.69 -12.03 7.09
C ASN A 143 -22.72 -10.66 6.38
N THR A 144 -21.57 -10.02 6.14
CA THR A 144 -21.44 -8.77 5.34
C THR A 144 -21.30 -9.10 3.85
N MET A 145 -21.97 -8.32 2.99
CA MET A 145 -21.94 -8.49 1.52
C MET A 145 -20.60 -7.91 1.03
N VAL A 146 -19.80 -8.74 0.37
CA VAL A 146 -18.46 -8.33 -0.14
C VAL A 146 -18.28 -8.89 -1.54
N VAL A 147 -17.31 -8.32 -2.28
CA VAL A 147 -16.63 -9.05 -3.39
C VAL A 147 -15.22 -9.38 -2.89
N THR A 148 -14.70 -10.51 -3.35
CA THR A 148 -13.39 -11.07 -2.96
C THR A 148 -12.50 -11.16 -4.19
N VAL A 149 -11.32 -10.56 -4.09
CA VAL A 149 -10.19 -10.76 -5.04
C VAL A 149 -9.30 -11.86 -4.46
N VAL A 150 -9.07 -12.93 -5.22
CA VAL A 150 -8.50 -14.18 -4.65
C VAL A 150 -7.57 -14.81 -5.67
N GLN A 151 -6.54 -15.47 -5.16
CA GLN A 151 -5.44 -15.99 -5.97
C GLN A 151 -4.75 -17.12 -5.21
N GLN A 152 -4.58 -18.24 -5.88
CA GLN A 152 -3.70 -19.32 -5.41
C GLN A 152 -2.26 -18.84 -5.48
N THR A 153 -1.45 -19.24 -4.51
CA THR A 153 -0.01 -18.91 -4.42
C THR A 153 0.72 -19.62 -5.55
N LYS A 154 1.86 -19.05 -5.95
CA LYS A 154 2.70 -19.61 -7.03
C LYS A 154 3.00 -21.10 -6.80
N ASP A 155 3.43 -21.48 -5.61
CA ASP A 155 3.82 -22.89 -5.31
C ASP A 155 2.59 -23.77 -4.98
N GLY A 156 1.35 -23.23 -5.10
CA GLY A 156 0.08 -23.93 -4.81
C GLY A 156 -0.11 -24.33 -3.34
N SER A 157 0.68 -23.82 -2.41
CA SER A 157 0.57 -24.17 -0.97
C SER A 157 -0.66 -23.49 -0.34
N GLY A 158 -1.26 -22.49 -0.99
CA GLY A 158 -2.32 -21.71 -0.33
C GLY A 158 -3.08 -20.82 -1.28
N VAL A 159 -4.06 -20.13 -0.73
CA VAL A 159 -4.90 -19.12 -1.43
C VAL A 159 -4.95 -17.87 -0.57
N VAL A 160 -4.78 -16.70 -1.17
CA VAL A 160 -4.85 -15.40 -0.46
C VAL A 160 -6.03 -14.64 -1.08
N ALA A 161 -6.68 -13.82 -0.28
CA ALA A 161 -7.97 -13.19 -0.64
C ALA A 161 -8.10 -11.87 0.10
N ILE A 162 -8.74 -10.91 -0.56
CA ILE A 162 -8.96 -9.53 -0.08
C ILE A 162 -10.45 -9.26 -0.29
N ASN A 163 -11.16 -8.90 0.79
CA ASN A 163 -12.61 -8.57 0.74
C ASN A 163 -12.78 -7.05 0.59
N MET A 164 -13.74 -6.64 -0.25
CA MET A 164 -14.27 -5.26 -0.31
C MET A 164 -15.78 -5.30 -0.11
N LYS A 165 -16.28 -4.50 0.84
CA LYS A 165 -17.74 -4.34 1.08
C LYS A 165 -18.36 -3.70 -0.17
N ILE A 166 -19.46 -4.26 -0.67
CA ILE A 166 -20.30 -3.60 -1.72
C ILE A 166 -20.55 -2.15 -1.31
N ASP A 167 -20.92 -1.91 -0.05
CA ASP A 167 -21.12 -0.56 0.55
C ASP A 167 -19.96 0.37 0.18
N GLU A 168 -18.73 -0.10 0.40
CA GLU A 168 -17.48 0.68 0.24
C GLU A 168 -17.19 0.96 -1.24
N LEU A 169 -17.52 0.00 -2.12
CA LEU A 169 -17.39 0.16 -3.59
C LEU A 169 -18.26 1.34 -4.10
N LEU A 170 -19.43 1.62 -3.49
CA LEU A 170 -20.40 2.64 -4.00
C LEU A 170 -20.39 3.89 -3.09
N SER B 32 -19.53 20.39 -18.38
CA SER B 32 -19.02 19.43 -19.43
C SER B 32 -17.48 19.34 -19.34
N ALA B 33 -16.78 20.31 -19.93
CA ALA B 33 -15.31 20.44 -19.86
C ALA B 33 -14.89 20.57 -18.39
N LEU B 34 -15.71 21.23 -17.57
CA LEU B 34 -15.40 21.47 -16.13
C LEU B 34 -15.69 20.18 -15.34
N ASP B 35 -16.69 19.40 -15.74
CA ASP B 35 -16.97 18.04 -15.19
C ASP B 35 -15.74 17.16 -15.39
N ASN B 36 -15.24 17.05 -16.63
CA ASN B 36 -14.04 16.27 -17.03
C ASN B 36 -12.84 16.64 -16.15
N VAL B 37 -12.45 17.90 -16.15
CA VAL B 37 -11.26 18.40 -15.42
C VAL B 37 -11.39 18.03 -13.95
N GLN B 38 -12.62 18.00 -13.41
CA GLN B 38 -12.87 17.73 -11.97
C GLN B 38 -12.74 16.23 -11.68
N GLN B 39 -13.01 15.37 -12.68
CA GLN B 39 -12.78 13.91 -12.56
C GLN B 39 -11.28 13.72 -12.45
N ILE B 40 -10.55 14.22 -13.46
CA ILE B 40 -9.06 14.21 -13.52
C ILE B 40 -8.51 14.74 -12.20
N ASN B 41 -9.04 15.84 -11.68
CA ASN B 41 -8.54 16.47 -10.43
C ASN B 41 -8.82 15.53 -9.26
N ASP B 42 -9.90 14.75 -9.33
CA ASP B 42 -10.28 13.76 -8.29
C ASP B 42 -9.37 12.53 -8.39
N MET B 43 -9.14 12.00 -9.58
CA MET B 43 -8.16 10.91 -9.84
C MET B 43 -6.80 11.26 -9.21
N ILE B 44 -6.31 12.49 -9.38
CA ILE B 44 -4.98 12.95 -8.86
C ILE B 44 -5.00 12.97 -7.33
N ASN B 45 -6.01 13.60 -6.72
CA ASN B 45 -5.99 13.83 -5.25
CA ASN B 45 -6.05 13.83 -5.25
C ASN B 45 -6.27 12.50 -4.53
N THR B 46 -7.01 11.60 -5.16
CA THR B 46 -7.30 10.23 -4.63
C THR B 46 -5.97 9.51 -4.53
N SER B 47 -5.19 9.57 -5.61
CA SER B 47 -3.88 8.92 -5.74
C SER B 47 -2.95 9.45 -4.65
N ILE B 48 -2.83 10.76 -4.51
CA ILE B 48 -1.95 11.37 -3.47
C ILE B 48 -2.50 11.01 -2.08
N SER B 49 -3.82 11.03 -1.91
CA SER B 49 -4.46 10.72 -0.60
C SER B 49 -4.13 9.28 -0.17
N GLN B 50 -4.05 8.34 -1.12
CA GLN B 50 -3.66 6.93 -0.86
C GLN B 50 -2.21 6.93 -0.35
N LYS B 51 -1.33 7.74 -0.93
CA LYS B 51 0.08 7.84 -0.46
C LYS B 51 0.12 8.35 0.98
N GLU B 52 -0.81 9.23 1.35
CA GLU B 52 -0.92 9.78 2.72
C GLU B 52 -1.23 8.66 3.71
N ASP B 53 -2.03 7.69 3.31
CA ASP B 53 -2.33 6.47 4.11
C ASP B 53 -1.02 5.69 4.32
N GLY B 54 -0.12 5.63 3.32
CA GLY B 54 1.21 4.99 3.49
C GLY B 54 2.09 5.72 4.49
N THR B 55 2.25 7.03 4.37
CA THR B 55 3.08 7.83 5.30
C THR B 55 2.46 7.80 6.69
N ALA B 56 1.12 7.76 6.80
CA ALA B 56 0.46 7.72 8.13
C ALA B 56 0.85 6.43 8.86
N TYR B 57 0.81 5.30 8.17
CA TYR B 57 1.21 3.98 8.70
C TYR B 57 2.69 4.00 9.12
N PHE B 58 3.58 4.41 8.21
CA PHE B 58 5.06 4.39 8.50
C PHE B 58 5.39 5.41 9.60
N SER B 59 4.67 6.53 9.72
CA SER B 59 4.84 7.54 10.81
C SER B 59 4.64 6.92 12.18
N ASP B 60 3.78 5.91 12.26
CA ASP B 60 3.47 5.16 13.52
C ASP B 60 4.50 4.08 13.74
N TRP B 61 4.74 3.27 12.71
CA TRP B 61 5.65 2.09 12.77
C TRP B 61 7.13 2.50 12.92
N LEU B 62 7.60 3.54 12.21
CA LEU B 62 9.01 3.98 12.31
C LEU B 62 9.21 4.65 13.68
N THR B 63 10.07 4.07 14.51
CA THR B 63 10.47 4.59 15.84
C THR B 63 12.00 4.58 15.96
N LYS B 64 12.54 5.24 16.98
CA LYS B 64 13.98 5.24 17.31
C LYS B 64 14.47 3.79 17.32
N ASP B 65 13.70 2.90 17.92
CA ASP B 65 14.11 1.48 17.99
C ASP B 65 14.26 0.92 16.57
N ARG B 66 13.32 1.21 15.66
CA ARG B 66 13.29 0.59 14.29
C ARG B 66 14.45 1.13 13.46
N TYR B 67 14.96 2.32 13.79
CA TYR B 67 16.10 3.01 13.12
C TYR B 67 17.44 2.40 13.55
N LYS B 68 17.50 1.56 14.59
CA LYS B 68 18.76 0.87 14.98
C LYS B 68 19.23 0.01 13.81
N PRO B 69 20.56 -0.02 13.53
CA PRO B 69 21.11 -0.74 12.37
C PRO B 69 20.68 -2.21 12.28
N LYS B 70 20.55 -2.89 13.41
CA LYS B 70 20.16 -4.32 13.46
C LYS B 70 18.73 -4.50 12.95
N ASN B 71 17.91 -3.44 12.86
CA ASN B 71 16.48 -3.51 12.46
C ASN B 71 16.31 -3.07 11.00
N GLN B 72 17.40 -2.76 10.30
CA GLN B 72 17.28 -2.15 8.96
C GLN B 72 16.53 -3.09 8.01
N SER B 73 16.77 -4.39 8.09
CA SER B 73 16.10 -5.41 7.25
C SER B 73 14.58 -5.33 7.44
N GLN B 74 14.10 -4.94 8.63
CA GLN B 74 12.64 -4.82 8.87
C GLN B 74 12.09 -3.67 8.01
N ILE B 75 12.80 -2.54 7.94
CA ILE B 75 12.35 -1.36 7.17
C ILE B 75 12.28 -1.76 5.69
N THR B 76 13.34 -2.37 5.18
CA THR B 76 13.48 -2.79 3.76
C THR B 76 12.37 -3.76 3.38
N ASP B 77 12.08 -4.73 4.23
CA ASP B 77 11.01 -5.73 4.00
C ASP B 77 9.66 -4.99 3.87
N LYS B 78 9.35 -4.07 4.78
CA LYS B 78 8.06 -3.35 4.74
C LYS B 78 7.99 -2.41 3.53
N PHE B 79 9.11 -1.77 3.15
CA PHE B 79 9.20 -0.90 1.95
C PHE B 79 9.05 -1.76 0.69
N THR B 80 9.64 -2.96 0.66
CA THR B 80 9.52 -3.89 -0.49
C THR B 80 8.03 -4.20 -0.69
N GLU B 81 7.35 -4.60 0.36
CA GLU B 81 5.90 -4.89 0.32
C GLU B 81 5.12 -3.69 -0.26
N TYR B 82 5.33 -2.50 0.32
CA TYR B 82 4.66 -1.26 -0.07
C TYR B 82 4.84 -1.03 -1.58
N MET B 83 6.06 -1.10 -2.08
CA MET B 83 6.39 -0.77 -3.49
C MET B 83 5.76 -1.80 -4.44
N LYS B 84 5.86 -3.08 -4.11
CA LYS B 84 5.41 -4.16 -5.01
C LYS B 84 3.88 -4.12 -5.11
N ILE B 85 3.14 -3.70 -4.08
CA ILE B 85 1.66 -3.59 -4.18
C ILE B 85 1.27 -2.24 -4.81
N ASN B 86 2.09 -1.18 -4.71
CA ASN B 86 1.73 0.16 -5.24
C ASN B 86 2.53 0.46 -6.52
N LYS B 87 2.03 -0.01 -7.67
CA LYS B 87 2.80 -0.02 -8.95
C LYS B 87 2.91 1.40 -9.52
N ASP B 88 2.21 2.38 -8.98
CA ASP B 88 2.29 3.79 -9.42
C ASP B 88 3.38 4.54 -8.64
N VAL B 89 4.11 3.88 -7.72
CA VAL B 89 5.08 4.57 -6.84
C VAL B 89 6.50 4.47 -7.42
N GLU B 90 7.26 5.57 -7.37
CA GLU B 90 8.66 5.62 -7.87
C GLU B 90 9.62 5.03 -6.82
N SER B 91 9.38 5.32 -5.55
CA SER B 91 10.23 4.90 -4.43
C SER B 91 9.54 5.26 -3.10
N ILE B 92 10.04 4.63 -2.04
CA ILE B 92 9.71 4.98 -0.65
C ILE B 92 11.05 4.99 0.09
N TYR B 93 11.24 5.97 0.97
CA TYR B 93 12.53 6.16 1.69
C TYR B 93 12.27 6.84 3.02
N THR B 94 13.19 6.64 3.95
CA THR B 94 13.20 7.37 5.25
C THR B 94 14.63 7.73 5.62
N SER B 95 14.76 8.79 6.40
CA SER B 95 15.98 9.14 7.17
C SER B 95 15.58 9.39 8.62
N ASP B 96 16.36 8.89 9.56
CA ASP B 96 16.31 9.38 10.95
C ASP B 96 17.08 10.71 11.04
N THR B 97 17.13 11.29 12.24
CA THR B 97 17.72 12.64 12.49
C THR B 97 19.24 12.59 12.26
N GLU B 98 19.84 11.40 12.26
CA GLU B 98 21.31 11.19 12.12
C GLU B 98 21.66 10.90 10.64
N GLY B 99 20.71 10.93 9.72
CA GLY B 99 20.97 10.65 8.30
C GLY B 99 21.07 9.17 7.97
N HIS B 100 20.67 8.25 8.84
CA HIS B 100 20.54 6.80 8.48
C HIS B 100 19.41 6.67 7.47
N PHE B 101 19.76 6.47 6.21
CA PHE B 101 18.86 6.58 5.04
C PHE B 101 18.59 5.18 4.48
N THR B 102 17.31 4.83 4.25
CA THR B 102 16.85 3.55 3.67
C THR B 102 15.88 3.90 2.55
N ARG B 103 16.10 3.34 1.36
CA ARG B 103 15.31 3.58 0.13
C ARG B 103 15.01 2.23 -0.50
N TYR B 104 13.80 2.06 -0.99
CA TYR B 104 13.45 0.98 -1.95
C TYR B 104 12.81 1.62 -3.17
N PRO B 105 13.30 1.35 -4.39
CA PRO B 105 14.50 0.55 -4.64
C PRO B 105 15.78 1.14 -4.06
N ASP B 106 16.76 0.29 -3.78
CA ASP B 106 18.02 0.67 -3.10
C ASP B 106 19.01 1.22 -4.15
N LEU B 107 18.74 2.36 -4.74
CA LEU B 107 19.69 2.99 -5.70
C LEU B 107 20.91 3.54 -4.96
N GLN B 108 22.03 3.57 -5.65
CA GLN B 108 23.24 4.32 -5.27
C GLN B 108 22.90 5.82 -5.22
N MET B 109 23.08 6.46 -4.09
CA MET B 109 22.88 7.93 -3.92
C MET B 109 24.18 8.65 -4.21
N PRO B 110 24.16 9.89 -4.75
CA PRO B 110 25.39 10.64 -4.99
C PRO B 110 26.22 10.83 -3.73
N LYS B 111 27.54 10.86 -3.90
CA LYS B 111 28.54 11.26 -2.88
C LYS B 111 28.11 12.62 -2.30
N GLY B 112 28.05 12.74 -0.99
CA GLY B 112 27.65 14.00 -0.35
C GLY B 112 26.14 14.09 -0.13
N TYR B 113 25.34 13.17 -0.66
CA TYR B 113 23.87 13.16 -0.43
C TYR B 113 23.63 13.18 1.09
N ASN B 114 22.79 14.11 1.52
CA ASN B 114 22.46 14.29 2.95
C ASN B 114 20.96 14.50 3.05
N PRO B 115 20.20 13.45 3.40
CA PRO B 115 18.74 13.55 3.47
C PRO B 115 18.23 14.70 4.34
N ILE B 116 18.91 15.01 5.42
CA ILE B 116 18.51 16.04 6.45
C ILE B 116 18.53 17.45 5.82
N GLU B 117 19.25 17.63 4.71
CA GLU B 117 19.42 18.94 4.03
C GLU B 117 18.47 19.01 2.84
N ARG B 118 17.73 17.95 2.52
CA ARG B 118 16.73 17.98 1.42
C ARG B 118 15.46 18.70 1.92
N ASP B 119 14.73 19.40 1.04
CA ASP B 119 13.49 20.15 1.39
C ASP B 119 12.38 19.18 1.80
N TRP B 120 12.32 17.97 1.25
CA TRP B 120 11.30 16.99 1.67
C TRP B 120 11.46 16.75 3.19
N TYR B 121 12.70 16.62 3.64
CA TYR B 121 12.99 16.32 5.06
C TYR B 121 12.63 17.56 5.88
N LYS B 122 13.10 18.73 5.45
CA LYS B 122 12.98 19.99 6.25
C LYS B 122 11.49 20.35 6.38
N LYS B 123 10.73 20.23 5.29
CA LYS B 123 9.29 20.57 5.25
C LYS B 123 8.54 19.62 6.18
N ALA B 124 8.90 18.33 6.23
CA ALA B 124 8.25 17.35 7.13
C ALA B 124 8.43 17.81 8.58
N VAL B 125 9.67 18.09 8.97
CA VAL B 125 10.03 18.53 10.35
C VAL B 125 9.29 19.83 10.66
N GLU B 126 9.18 20.73 9.68
CA GLU B 126 8.49 22.05 9.81
C GLU B 126 7.02 21.80 10.13
N ASN B 127 6.41 20.76 9.55
CA ASN B 127 4.98 20.45 9.72
C ASN B 127 4.69 19.58 10.95
N LYS B 128 5.69 19.30 11.79
CA LYS B 128 5.52 18.67 13.12
C LYS B 128 4.60 17.43 13.04
N GLY B 129 4.80 16.54 12.08
CA GLY B 129 4.13 15.24 12.05
C GLY B 129 2.89 15.27 11.17
N LYS B 130 2.55 16.44 10.61
CA LYS B 130 1.45 16.56 9.63
C LYS B 130 2.03 16.28 8.24
N VAL B 131 1.27 15.54 7.45
CA VAL B 131 1.71 15.09 6.11
C VAL B 131 1.83 16.31 5.21
N VAL B 132 2.82 16.29 4.31
CA VAL B 132 3.10 17.36 3.32
C VAL B 132 3.11 16.74 1.93
N VAL B 133 2.67 17.52 0.93
CA VAL B 133 2.81 17.18 -0.51
C VAL B 133 3.67 18.28 -1.15
N THR B 134 4.83 17.93 -1.68
CA THR B 134 5.84 18.91 -2.17
C THR B 134 5.41 19.41 -3.54
N ASP B 135 6.02 20.50 -3.99
CA ASP B 135 6.03 20.91 -5.42
C ASP B 135 6.81 19.87 -6.19
N PRO B 136 6.66 19.78 -7.53
CA PRO B 136 7.47 18.87 -8.33
C PRO B 136 8.96 19.26 -8.23
N TYR B 137 9.87 18.28 -8.26
CA TYR B 137 11.34 18.52 -8.22
C TYR B 137 11.98 17.26 -8.81
N ARG B 138 13.25 17.36 -9.19
CA ARG B 138 14.01 16.22 -9.75
C ARG B 138 14.79 15.51 -8.64
N THR B 139 14.66 14.18 -8.58
CA THR B 139 15.31 13.36 -7.52
C THR B 139 16.83 13.53 -7.57
N ALA B 140 17.49 13.49 -6.42
CA ALA B 140 18.96 13.36 -6.31
C ALA B 140 19.40 12.06 -6.96
N SER B 141 18.63 10.99 -6.81
CA SER B 141 19.06 9.64 -7.25
C SER B 141 19.15 9.54 -8.79
N THR B 142 18.19 10.11 -9.54
CA THR B 142 18.11 9.91 -11.02
C THR B 142 17.69 11.18 -11.76
N ASN B 143 17.56 12.32 -11.08
CA ASN B 143 17.13 13.58 -11.73
C ASN B 143 15.76 13.36 -12.41
N THR B 144 14.89 12.49 -11.87
CA THR B 144 13.49 12.28 -12.32
C THR B 144 12.55 13.27 -11.61
N MET B 145 11.63 13.84 -12.38
CA MET B 145 10.59 14.79 -11.89
C MET B 145 9.56 13.98 -11.10
N VAL B 146 9.38 14.31 -9.83
CA VAL B 146 8.41 13.59 -8.94
C VAL B 146 7.65 14.61 -8.12
N VAL B 147 6.52 14.16 -7.56
CA VAL B 147 5.90 14.75 -6.34
C VAL B 147 6.20 13.82 -5.16
N THR B 148 6.44 14.40 -3.98
CA THR B 148 6.75 13.63 -2.75
C THR B 148 5.65 13.88 -1.71
N VAL B 149 5.11 12.79 -1.18
CA VAL B 149 4.28 12.80 0.04
C VAL B 149 5.19 12.45 1.23
N VAL B 150 5.23 13.29 2.25
CA VAL B 150 6.28 13.17 3.29
C VAL B 150 5.69 13.52 4.64
N GLN B 151 6.24 12.91 5.68
CA GLN B 151 5.70 13.00 7.05
C GLN B 151 6.78 12.64 8.06
N GLN B 152 6.92 13.45 9.08
CA GLN B 152 7.74 13.13 10.26
C GLN B 152 7.03 12.04 11.04
N THR B 153 7.80 11.12 11.63
CA THR B 153 7.30 10.02 12.47
C THR B 153 6.69 10.61 13.75
N LYS B 154 5.75 9.89 14.35
CA LYS B 154 5.09 10.32 15.61
C LYS B 154 6.12 10.63 16.69
N ASP B 155 7.15 9.79 16.88
CA ASP B 155 8.18 10.02 17.95
C ASP B 155 9.25 11.04 17.51
N GLY B 156 9.13 11.63 16.31
CA GLY B 156 10.08 12.65 15.76
C GLY B 156 11.48 12.09 15.46
N SER B 157 11.70 10.77 15.49
CA SER B 157 13.03 10.17 15.22
C SER B 157 13.36 10.22 13.72
N GLY B 158 12.39 10.44 12.84
CA GLY B 158 12.66 10.33 11.40
C GLY B 158 11.59 10.98 10.55
N VAL B 159 11.80 10.89 9.25
CA VAL B 159 10.86 11.36 8.19
C VAL B 159 10.73 10.23 7.17
N VAL B 160 9.53 9.94 6.72
CA VAL B 160 9.26 8.92 5.67
C VAL B 160 8.63 9.66 4.50
N ALA B 161 8.89 9.20 3.27
CA ALA B 161 8.54 9.90 2.03
C ALA B 161 8.26 8.87 0.92
N ILE B 162 7.28 9.18 0.09
CA ILE B 162 6.84 8.37 -1.08
C ILE B 162 6.87 9.26 -2.32
N ASN B 163 7.60 8.85 -3.36
CA ASN B 163 7.72 9.60 -4.63
C ASN B 163 6.75 9.01 -5.65
N MET B 164 6.15 9.91 -6.43
CA MET B 164 5.40 9.56 -7.66
C MET B 164 5.96 10.41 -8.80
N LYS B 165 6.31 9.78 -9.92
CA LYS B 165 6.68 10.49 -11.18
C LYS B 165 5.45 11.31 -11.63
N ILE B 166 5.65 12.60 -11.93
CA ILE B 166 4.66 13.46 -12.65
C ILE B 166 4.02 12.64 -13.78
N ASP B 167 4.85 12.01 -14.62
CA ASP B 167 4.39 11.23 -15.79
C ASP B 167 3.36 10.17 -15.33
N GLU B 168 3.59 9.49 -14.21
CA GLU B 168 2.71 8.41 -13.69
C GLU B 168 1.40 8.99 -13.13
N LEU B 169 1.47 10.16 -12.51
CA LEU B 169 0.29 10.83 -11.89
C LEU B 169 -0.69 11.26 -13.00
N LEU B 170 -0.16 11.63 -14.19
CA LEU B 170 -0.91 12.18 -15.36
C LEU B 170 -0.96 11.11 -16.46
N LYS B 180 -7.09 18.53 -1.35
CA LYS B 180 -6.18 18.47 -0.17
C LYS B 180 -4.72 18.39 -0.61
N SER B 181 -4.40 17.56 -1.62
CA SER B 181 -3.05 17.43 -2.23
C SER B 181 -2.50 18.81 -2.59
N GLY B 182 -3.36 19.66 -3.14
CA GLY B 182 -3.05 21.05 -3.56
C GLY B 182 -2.83 21.14 -5.05
N TYR B 183 -2.94 20.01 -5.75
CA TYR B 183 -2.72 19.86 -7.21
C TYR B 183 -4.07 19.83 -7.89
N ALA B 184 -4.21 20.57 -9.00
CA ALA B 184 -5.46 20.68 -9.79
C ALA B 184 -5.15 21.36 -11.11
N PHE B 185 -5.69 20.82 -12.20
CA PHE B 185 -5.87 21.55 -13.47
C PHE B 185 -6.90 22.65 -13.24
N ILE B 186 -6.52 23.89 -13.52
CA ILE B 186 -7.33 25.11 -13.23
C ILE B 186 -7.25 26.01 -14.46
N LEU B 187 -8.35 26.71 -14.77
CA LEU B 187 -8.43 27.60 -15.96
C LEU B 187 -7.50 28.79 -15.72
N THR B 188 -6.64 29.03 -16.70
CA THR B 188 -5.66 30.15 -16.68
C THR B 188 -5.82 30.96 -17.95
N LYS B 189 -5.26 32.17 -17.92
CA LYS B 189 -5.31 33.19 -18.97
C LYS B 189 -3.94 33.87 -19.00
N ASP B 190 -3.13 33.54 -19.99
CA ASP B 190 -1.68 33.90 -20.02
C ASP B 190 -1.06 33.45 -18.69
N LYS B 191 -1.32 32.21 -18.28
CA LYS B 191 -0.68 31.50 -17.14
C LYS B 191 -1.14 32.10 -15.81
N LYS B 192 -2.15 32.98 -15.83
CA LYS B 192 -2.77 33.58 -14.62
C LYS B 192 -4.04 32.81 -14.30
N VAL B 193 -4.21 32.37 -13.05
CA VAL B 193 -5.45 31.72 -12.57
C VAL B 193 -6.63 32.68 -12.83
N VAL B 194 -7.81 32.16 -13.20
CA VAL B 194 -9.06 32.97 -13.44
C VAL B 194 -10.17 32.40 -12.56
C1 LMR C . -15.48 -16.19 3.92
O1A LMR C . -16.66 -15.85 3.75
O1B LMR C . -15.08 -17.37 4.17
C2 LMR C . -14.44 -15.05 3.80
O2 LMR C . -15.02 -13.82 3.32
C3 LMR C . -13.74 -14.81 5.16
C4 LMR C . -14.69 -14.32 6.24
O4A LMR C . -15.81 -14.91 6.36
O4B LMR C . -14.33 -13.33 6.95
C1 EDO D . -17.51 -22.27 -7.74
O1 EDO D . -16.58 -22.01 -8.77
C2 EDO D . -17.18 -23.53 -7.00
O2 EDO D . -16.52 -24.50 -7.79
C ACT E . -18.82 -19.02 -0.37
O ACT E . -17.88 -18.16 -0.28
OXT ACT E . -18.68 -20.25 -0.12
CH3 ACT E . -20.20 -18.58 -0.88
C1 PEG F . -22.05 -19.88 5.92
O1 PEG F . -21.38 -19.87 7.18
C2 PEG F . -21.93 -18.57 5.16
O2 PEG F . -22.54 -18.74 3.87
C3 PEG F . -22.15 -17.77 2.90
C4 PEG F . -22.81 -18.09 1.59
O4 PEG F . -23.00 -16.94 0.80
C1 LMR G . 15.58 13.20 -2.97
O1A LMR G . 16.40 13.44 -2.04
O1B LMR G . 15.49 13.85 -4.05
C2 LMR G . 14.58 12.05 -2.79
O2 LMR G . 13.61 12.06 -3.82
C3 LMR G . 15.23 10.65 -2.77
C4 LMR G . 15.92 10.35 -4.10
O4A LMR G . 15.70 9.22 -4.67
O4B LMR G . 16.68 11.23 -4.55
C ACT H . 14.98 19.36 -2.47
O ACT H . 16.01 19.54 -1.72
OXT ACT H . 14.65 20.14 -3.43
CH3 ACT H . 14.02 18.15 -2.16
#